data_9J8F
#
_entry.id   9J8F
#
_cell.length_a   56.472
_cell.length_b   56.472
_cell.length_c   200.285
_cell.angle_alpha   90.00
_cell.angle_beta   90.00
_cell.angle_gamma   90.00
#
_symmetry.space_group_name_H-M   'P 41'
#
loop_
_entity.id
_entity.type
_entity.pdbx_description
1 polymer 'Bifunctional ligase/repressor BirA'
2 non-polymer 3,6,9,12,15,18-HEXAOXAICOSANE-1,20-DIOL
3 non-polymer 'PENTAETHYLENE GLYCOL'
4 water water
#
_entity_poly.entity_id   1
_entity_poly.type   'polypeptide(L)'
_entity_poly.pdbx_seq_one_letter_code
;MMNFTLLTYLADCQPKVRSELEKFSKNLEEDIQQLREIGLDILVDGQDYRLVPMLPLLNPQQISTALFPYSIHYQPIISS
TNEWILQNILSLKKGDLCVAEYQTAGRGRRGRQWLSPFAGQIMFSFYWAFDPKKSIEGLSLVIGLAIAEVLNVQVKWPND
ILFDERKLGGILVEIANHKNGMLNLVIGIGINVSLSKQTEISQPYAEVCEIDPDVERQTLLPKLIQHLYTRLNIFEQNGI
DEEFQQAWQSYNAFSNSEINVLTEQGVISGIEQGIDERGYLKVLCGNKIQMFNGGEVSLRKK
;
_entity_poly.pdbx_strand_id   A,B
#
# COMPACT_ATOMS: atom_id res chain seq x y z
N MET A 1 6.28 17.99 9.63
CA MET A 1 5.93 17.61 10.99
C MET A 1 4.62 18.25 11.39
N MET A 2 3.65 17.43 11.80
CA MET A 2 2.34 17.95 12.16
C MET A 2 2.41 18.74 13.46
N ASN A 3 1.73 19.88 13.49
CA ASN A 3 1.60 20.64 14.73
C ASN A 3 0.38 20.10 15.47
N PHE A 4 0.63 19.24 16.45
CA PHE A 4 -0.45 18.60 17.19
C PHE A 4 -1.20 19.61 18.05
N THR A 5 -0.47 20.51 18.72
CA THR A 5 -1.12 21.47 19.60
C THR A 5 -2.01 22.44 18.82
N LEU A 6 -1.54 22.88 17.64
CA LEU A 6 -2.35 23.75 16.80
C LEU A 6 -3.63 23.06 16.36
N LEU A 7 -3.52 21.79 15.95
CA LEU A 7 -4.69 21.04 15.52
C LEU A 7 -5.69 20.85 16.66
N THR A 8 -5.18 20.58 17.87
CA THR A 8 -6.07 20.38 19.01
C THR A 8 -6.83 21.65 19.36
N TYR A 9 -6.16 22.80 19.32
CA TYR A 9 -6.83 24.07 19.58
C TYR A 9 -7.84 24.41 18.49
N LEU A 10 -7.56 24.04 17.24
CA LEU A 10 -8.49 24.31 16.16
C LEU A 10 -9.62 23.28 16.08
N ALA A 11 -9.56 22.23 16.91
CA ALA A 11 -10.48 21.10 16.78
C ALA A 11 -11.93 21.49 17.06
N ASP A 12 -12.17 22.50 17.90
CA ASP A 12 -13.55 22.92 18.16
C ASP A 12 -14.26 23.37 16.89
N CYS A 13 -13.52 23.61 15.81
CA CYS A 13 -14.07 24.03 14.52
C CYS A 13 -14.76 25.39 14.63
N GLN A 14 -14.31 26.22 15.56
CA GLN A 14 -14.78 27.57 15.73
C GLN A 14 -13.66 28.56 15.41
N PRO A 15 -13.98 29.78 15.03
CA PRO A 15 -12.94 30.72 14.55
C PRO A 15 -12.00 31.16 15.67
N LYS A 16 -10.72 31.24 15.32
CA LYS A 16 -9.66 31.61 16.26
C LYS A 16 -8.71 32.58 15.58
N VAL A 17 -8.49 33.74 16.20
CA VAL A 17 -7.64 34.75 15.59
C VAL A 17 -6.17 34.40 15.81
N ARG A 18 -5.31 34.98 14.97
CA ARG A 18 -3.88 34.62 14.99
C ARG A 18 -3.20 34.95 16.30
N SER A 19 -3.69 35.98 17.01
CA SER A 19 -3.08 36.36 18.28
C SER A 19 -3.00 35.16 19.22
N GLU A 20 -4.09 34.38 19.30
CA GLU A 20 -4.05 33.14 20.06
C GLU A 20 -3.28 32.05 19.30
N LEU A 21 -3.49 31.97 17.98
CA LEU A 21 -2.88 30.90 17.20
C LEU A 21 -1.35 31.00 17.20
N GLU A 22 -0.82 32.23 17.21
CA GLU A 22 0.63 32.41 17.18
C GLU A 22 1.31 31.79 18.40
N LYS A 23 0.56 31.46 19.44
CA LYS A 23 1.14 30.79 20.60
C LYS A 23 1.47 29.33 20.30
N PHE A 24 0.59 28.62 19.58
CA PHE A 24 0.77 27.19 19.35
C PHE A 24 1.72 26.93 18.22
N SER A 25 1.84 27.85 17.29
CA SER A 25 2.81 27.64 16.21
C SER A 25 3.77 28.82 16.18
N LYS A 26 5.05 28.48 15.93
CA LYS A 26 6.12 29.46 15.62
C LYS A 26 6.11 29.98 14.20
N ASN A 27 6.24 29.11 13.23
CA ASN A 27 6.05 29.52 11.85
C ASN A 27 4.64 29.06 11.49
N LEU A 28 3.65 29.94 11.68
CA LEU A 28 2.26 29.50 11.66
C LEU A 28 1.80 29.10 10.26
N GLU A 29 2.00 29.98 9.27
CA GLU A 29 1.45 29.70 7.94
C GLU A 29 2.05 28.46 7.33
N GLU A 30 3.32 28.16 7.65
CA GLU A 30 3.93 26.92 7.20
C GLU A 30 3.23 25.71 7.80
N ASP A 31 2.73 25.83 9.04
CA ASP A 31 2.08 24.71 9.70
C ASP A 31 0.61 24.58 9.30
N ILE A 32 -0.07 25.71 9.08
CA ILE A 32 -1.44 25.64 8.57
C ILE A 32 -1.45 24.99 7.20
N GLN A 33 -0.46 25.30 6.37
CA GLN A 33 -0.38 24.67 5.06
C GLN A 33 -0.04 23.19 5.18
N GLN A 34 0.82 22.83 6.14
CA GLN A 34 1.16 21.42 6.33
C GLN A 34 -0.08 20.61 6.73
N LEU A 35 -0.93 21.17 7.58
CA LEU A 35 -2.18 20.51 7.93
C LEU A 35 -3.11 20.40 6.73
N ARG A 36 -3.12 21.43 5.87
CA ARG A 36 -3.93 21.37 4.66
C ARG A 36 -3.43 20.27 3.72
N GLU A 37 -2.11 20.04 3.69
CA GLU A 37 -1.56 19.00 2.83
C GLU A 37 -2.02 17.61 3.26
N ILE A 38 -2.18 17.38 4.57
CA ILE A 38 -2.54 16.05 5.06
C ILE A 38 -4.05 15.84 4.96
N GLY A 39 -4.75 16.76 4.30
CA GLY A 39 -6.16 16.62 4.03
C GLY A 39 -7.09 17.44 4.91
N LEU A 40 -6.58 18.07 5.95
CA LEU A 40 -7.41 18.92 6.79
C LEU A 40 -7.71 20.23 6.07
N ASP A 41 -8.91 20.76 6.27
CA ASP A 41 -9.36 21.98 5.60
C ASP A 41 -9.48 23.09 6.63
N ILE A 42 -8.50 24.00 6.62
CA ILE A 42 -8.54 25.20 7.44
C ILE A 42 -8.73 26.38 6.50
N LEU A 43 -9.85 27.09 6.64
CA LEU A 43 -10.19 28.21 5.80
C LEU A 43 -10.05 29.50 6.59
N VAL A 44 -9.29 30.44 6.05
CA VAL A 44 -9.12 31.75 6.65
C VAL A 44 -10.01 32.73 5.89
N ASP A 45 -11.06 33.21 6.55
CA ASP A 45 -11.92 34.25 6.01
C ASP A 45 -11.59 35.54 6.74
N GLY A 46 -11.04 36.51 6.01
CA GLY A 46 -10.57 37.71 6.68
C GLY A 46 -9.47 37.39 7.68
N GLN A 47 -9.67 37.83 8.91
CA GLN A 47 -8.76 37.54 10.02
C GLN A 47 -9.15 36.30 10.81
N ASP A 48 -10.20 35.59 10.40
CA ASP A 48 -10.73 34.46 11.14
C ASP A 48 -10.26 33.13 10.53
N TYR A 49 -9.57 32.34 11.32
CA TYR A 49 -9.13 30.99 10.93
C TYR A 49 -10.08 29.97 11.55
N ARG A 50 -10.63 29.09 10.71
CA ARG A 50 -11.57 28.08 11.18
C ARG A 50 -11.28 26.73 10.54
N LEU A 51 -11.32 25.67 11.35
CA LEU A 51 -11.24 24.30 10.84
C LEU A 51 -12.64 23.82 10.47
N VAL A 52 -12.74 23.11 9.36
CA VAL A 52 -14.02 22.71 8.81
C VAL A 52 -14.21 21.20 9.03
N PRO A 53 -15.28 20.78 9.69
CA PRO A 53 -15.58 19.35 9.77
C PRO A 53 -16.35 18.88 8.55
N MET A 54 -16.03 17.67 8.08
CA MET A 54 -16.74 17.10 6.94
C MET A 54 -18.20 16.84 7.28
N LEU A 55 -18.47 16.41 8.51
CA LEU A 55 -19.81 16.10 8.99
C LEU A 55 -20.01 16.82 10.32
N PRO A 56 -21.27 16.99 10.75
CA PRO A 56 -21.51 17.61 12.06
C PRO A 56 -20.73 16.90 13.16
N LEU A 57 -20.15 17.68 14.05
CA LEU A 57 -19.35 17.14 15.14
C LEU A 57 -20.24 16.35 16.09
N LEU A 58 -19.63 15.40 16.79
CA LEU A 58 -20.37 14.54 17.71
C LEU A 58 -20.57 15.22 19.06
N ASN A 59 -21.71 14.92 19.69
CA ASN A 59 -22.01 15.43 21.01
C ASN A 59 -21.72 14.35 22.05
N PRO A 60 -20.74 14.53 22.92
CA PRO A 60 -20.35 13.43 23.84
C PRO A 60 -21.46 12.98 24.76
N GLN A 61 -22.19 13.92 25.39
CA GLN A 61 -23.20 13.55 26.37
C GLN A 61 -24.38 12.85 25.71
N GLN A 62 -24.69 13.20 24.45
CA GLN A 62 -25.71 12.48 23.72
C GLN A 62 -25.31 11.01 23.52
N ILE A 63 -24.04 10.76 23.21
CA ILE A 63 -23.57 9.38 23.08
C ILE A 63 -23.56 8.66 24.42
N SER A 64 -23.16 9.37 25.48
CA SER A 64 -23.11 8.75 26.80
C SER A 64 -24.50 8.37 27.29
N THR A 65 -25.48 9.25 27.11
CA THR A 65 -26.85 8.94 27.53
C THR A 65 -27.47 7.85 26.66
N ALA A 66 -27.00 7.71 25.41
CA ALA A 66 -27.53 6.68 24.53
C ALA A 66 -26.86 5.33 24.78
N LEU A 67 -25.64 5.32 25.31
CA LEU A 67 -24.88 4.09 25.51
C LEU A 67 -24.64 3.81 26.99
N PHE A 68 -25.53 4.28 27.85
CA PHE A 68 -25.45 3.96 29.26
C PHE A 68 -25.59 2.45 29.45
N PRO A 69 -24.79 1.83 30.33
CA PRO A 69 -23.87 2.42 31.30
C PRO A 69 -22.42 2.58 30.84
N TYR A 70 -22.13 2.37 29.56
CA TYR A 70 -20.74 2.36 29.12
C TYR A 70 -20.14 3.77 29.15
N SER A 71 -18.96 3.89 29.76
CA SER A 71 -18.29 5.18 29.91
C SER A 71 -17.58 5.56 28.62
N ILE A 72 -17.77 6.80 28.18
CA ILE A 72 -17.28 7.27 26.90
C ILE A 72 -16.32 8.43 27.09
N HIS A 73 -15.15 8.35 26.46
CA HIS A 73 -14.21 9.44 26.39
C HIS A 73 -14.20 9.98 24.96
N TYR A 74 -14.42 11.28 24.81
CA TYR A 74 -14.46 11.93 23.50
C TYR A 74 -13.30 12.91 23.42
N GLN A 75 -12.43 12.71 22.43
CA GLN A 75 -11.33 13.62 22.16
C GLN A 75 -11.38 13.98 20.68
N PRO A 76 -11.50 15.25 20.33
CA PRO A 76 -11.51 15.60 18.89
C PRO A 76 -10.26 15.17 18.15
N ILE A 77 -9.09 15.37 18.74
CA ILE A 77 -7.82 14.95 18.15
C ILE A 77 -7.12 14.00 19.11
N ILE A 78 -6.70 12.84 18.59
CA ILE A 78 -5.97 11.86 19.37
C ILE A 78 -4.99 11.16 18.43
N SER A 79 -3.90 10.65 19.00
CA SER A 79 -2.97 9.87 18.19
C SER A 79 -3.60 8.54 17.81
N SER A 80 -4.17 7.82 18.78
CA SER A 80 -4.81 6.54 18.53
C SER A 80 -5.91 6.31 19.56
N THR A 81 -7.09 5.91 19.09
CA THR A 81 -8.14 5.50 20.00
C THR A 81 -7.74 4.26 20.79
N ASN A 82 -6.97 3.36 20.16
CA ASN A 82 -6.54 2.14 20.83
C ASN A 82 -5.56 2.45 21.97
N GLU A 83 -4.66 3.41 21.76
CA GLU A 83 -3.66 3.71 22.79
C GLU A 83 -4.31 4.29 24.04
N TRP A 84 -5.34 5.12 23.88
CA TRP A 84 -6.02 5.67 25.05
C TRP A 84 -6.65 4.56 25.89
N ILE A 85 -7.35 3.64 25.22
CA ILE A 85 -7.94 2.50 25.93
C ILE A 85 -6.85 1.69 26.63
N LEU A 86 -5.72 1.51 25.95
CA LEU A 86 -4.60 0.78 26.54
C LEU A 86 -4.00 1.55 27.72
N GLN A 87 -3.78 2.85 27.55
CA GLN A 87 -3.09 3.63 28.58
C GLN A 87 -3.95 3.85 29.82
N ASN A 88 -5.28 3.80 29.68
CA ASN A 88 -6.19 4.03 30.79
C ASN A 88 -6.88 2.74 31.22
N ILE A 89 -6.26 1.59 30.92
CA ILE A 89 -6.91 0.29 31.09
C ILE A 89 -7.35 0.06 32.53
N LEU A 90 -6.62 0.60 33.51
CA LEU A 90 -6.92 0.34 34.91
C LEU A 90 -8.17 1.07 35.39
N SER A 91 -8.70 2.02 34.62
CA SER A 91 -9.84 2.81 35.02
C SER A 91 -11.11 2.47 34.25
N LEU A 92 -11.11 1.40 33.45
CA LEU A 92 -12.21 1.07 32.55
C LEU A 92 -12.84 -0.27 32.87
N LYS A 93 -14.05 -0.47 32.33
CA LYS A 93 -14.88 -1.68 32.39
C LYS A 93 -15.27 -2.08 30.97
N LYS A 94 -15.88 -3.25 30.82
CA LYS A 94 -16.44 -3.65 29.51
C LYS A 94 -17.19 -2.53 28.86
N GLY A 95 -16.82 -2.23 27.63
CA GLY A 95 -17.60 -1.34 26.82
C GLY A 95 -17.21 0.11 26.93
N ASP A 96 -16.26 0.44 27.78
CA ASP A 96 -15.82 1.81 27.85
C ASP A 96 -15.10 2.14 26.56
N LEU A 97 -15.40 3.32 26.03
CA LEU A 97 -15.06 3.65 24.66
C LEU A 97 -14.27 4.94 24.63
N CYS A 98 -13.45 5.07 23.59
CA CYS A 98 -12.77 6.31 23.26
C CYS A 98 -13.16 6.66 21.82
N VAL A 99 -13.97 7.70 21.67
CA VAL A 99 -14.44 8.16 20.36
C VAL A 99 -13.69 9.43 20.01
N ALA A 100 -13.32 9.55 18.73
CA ALA A 100 -12.55 10.70 18.28
C ALA A 100 -13.06 11.13 16.90
N GLU A 101 -12.67 12.34 16.52
CA GLU A 101 -12.98 12.87 15.21
C GLU A 101 -11.85 12.69 14.22
N TYR A 102 -10.60 12.72 14.70
CA TYR A 102 -9.43 12.53 13.86
C TYR A 102 -8.38 11.77 14.66
N GLN A 103 -7.70 10.84 14.00
CA GLN A 103 -6.58 10.11 14.59
C GLN A 103 -5.31 10.54 13.84
N THR A 104 -4.34 11.09 14.58
CA THR A 104 -3.15 11.63 13.94
C THR A 104 -2.24 10.54 13.39
N ALA A 105 -2.21 9.37 14.03
CA ALA A 105 -1.45 8.23 13.55
C ALA A 105 -2.41 7.15 13.08
N GLY A 106 -2.24 6.71 11.83
CA GLY A 106 -3.08 5.66 11.27
C GLY A 106 -2.84 5.41 9.80
N GLN A 113 -7.37 5.46 5.03
CA GLN A 113 -7.14 6.52 4.07
C GLN A 113 -5.91 7.34 4.42
N TRP A 114 -5.42 8.10 3.44
CA TRP A 114 -4.27 8.99 3.59
C TRP A 114 -4.75 10.41 3.83
N LEU A 115 -5.48 10.98 2.86
CA LEU A 115 -6.17 12.24 3.11
C LEU A 115 -7.50 11.97 3.82
N SER A 116 -7.39 11.39 5.01
CA SER A 116 -8.57 11.08 5.80
C SER A 116 -9.17 12.38 6.33
N PRO A 117 -10.49 12.53 6.27
CA PRO A 117 -11.11 13.79 6.69
C PRO A 117 -11.43 13.85 8.18
N PHE A 118 -11.36 15.07 8.70
CA PHE A 118 -11.77 15.32 10.07
C PHE A 118 -13.29 15.21 10.19
N ALA A 119 -13.75 14.44 11.17
CA ALA A 119 -15.17 14.21 11.41
C ALA A 119 -15.86 13.58 10.20
N GLY A 120 -15.14 12.74 9.45
CA GLY A 120 -15.70 12.10 8.29
C GLY A 120 -15.89 10.61 8.50
N GLN A 121 -15.52 10.12 9.67
CA GLN A 121 -15.52 8.70 9.97
C GLN A 121 -16.11 8.46 11.35
N ILE A 122 -16.72 7.29 11.51
CA ILE A 122 -17.09 6.79 12.83
C ILE A 122 -15.88 6.02 13.35
N MET A 123 -15.17 6.61 14.31
CA MET A 123 -13.91 6.07 14.82
C MET A 123 -14.01 5.93 16.33
N PHE A 124 -13.97 4.69 16.81
CA PHE A 124 -14.02 4.44 18.24
C PHE A 124 -13.25 3.17 18.55
N SER A 125 -12.77 3.09 19.78
CA SER A 125 -12.14 1.88 20.30
C SER A 125 -12.75 1.60 21.67
N PHE A 126 -12.78 0.33 22.05
CA PHE A 126 -13.40 -0.05 23.32
C PHE A 126 -12.64 -1.20 23.96
N TYR A 127 -12.78 -1.27 25.27
CA TYR A 127 -12.17 -2.31 26.09
C TYR A 127 -13.13 -3.48 26.23
N TRP A 128 -12.65 -4.68 25.97
CA TRP A 128 -13.42 -5.90 26.19
C TRP A 128 -12.55 -6.92 26.91
N ALA A 129 -13.21 -7.73 27.73
CA ALA A 129 -12.53 -8.78 28.48
C ALA A 129 -13.24 -10.10 28.27
N PHE A 130 -12.46 -11.17 28.25
CA PHE A 130 -12.96 -12.52 28.14
C PHE A 130 -12.40 -13.34 29.29
N ASP A 131 -12.96 -14.52 29.49
CA ASP A 131 -12.37 -15.45 30.44
C ASP A 131 -10.97 -15.80 29.98
N PRO A 132 -9.99 -15.87 30.89
CA PRO A 132 -8.61 -16.10 30.45
C PRO A 132 -8.43 -17.38 29.65
N LYS A 133 -9.20 -18.42 29.98
CA LYS A 133 -9.13 -19.67 29.22
C LYS A 133 -9.70 -19.50 27.81
N LYS A 134 -10.76 -18.70 27.67
CA LYS A 134 -11.47 -18.55 26.41
C LYS A 134 -10.52 -18.26 25.24
N SER A 135 -10.91 -18.76 24.07
CA SER A 135 -10.19 -18.54 22.82
C SER A 135 -10.86 -17.44 22.03
N ILE A 136 -10.06 -16.58 21.41
CA ILE A 136 -10.57 -15.46 20.63
C ILE A 136 -10.49 -15.74 19.12
N GLU A 137 -10.48 -17.01 18.73
CA GLU A 137 -10.42 -17.37 17.32
C GLU A 137 -11.76 -17.11 16.65
N GLY A 138 -11.76 -16.29 15.61
CA GLY A 138 -12.99 -15.84 14.98
C GLY A 138 -13.52 -14.53 15.52
N LEU A 139 -12.81 -13.90 16.46
CA LEU A 139 -13.30 -12.66 17.07
C LEU A 139 -13.43 -11.55 16.02
N SER A 140 -12.39 -11.38 15.19
CA SER A 140 -12.45 -10.35 14.15
C SER A 140 -13.59 -10.60 13.18
N LEU A 141 -14.00 -11.86 13.02
CA LEU A 141 -15.15 -12.16 12.17
C LEU A 141 -16.46 -11.73 12.84
N VAL A 142 -16.53 -11.85 14.16
CA VAL A 142 -17.71 -11.40 14.89
C VAL A 142 -17.84 -9.88 14.80
N ILE A 143 -16.71 -9.18 14.93
CA ILE A 143 -16.72 -7.72 14.85
C ILE A 143 -17.17 -7.27 13.47
N GLY A 144 -16.67 -7.92 12.42
CA GLY A 144 -17.06 -7.54 11.07
C GLY A 144 -18.52 -7.83 10.77
N LEU A 145 -18.99 -9.00 11.21
CA LEU A 145 -20.37 -9.39 10.91
C LEU A 145 -21.37 -8.45 11.58
N ALA A 146 -21.11 -8.07 12.84
CA ALA A 146 -22.00 -7.13 13.52
C ALA A 146 -22.08 -5.81 12.76
N ILE A 147 -20.94 -5.29 12.30
CA ILE A 147 -20.94 -4.04 11.55
C ILE A 147 -21.69 -4.22 10.23
N ALA A 148 -21.48 -5.35 9.56
CA ALA A 148 -22.15 -5.58 8.28
C ALA A 148 -23.65 -5.72 8.45
N GLU A 149 -24.09 -6.35 9.54
CA GLU A 149 -25.52 -6.52 9.78
C GLU A 149 -26.21 -5.18 10.01
N VAL A 150 -25.57 -4.28 10.77
CA VAL A 150 -26.19 -2.99 11.06
C VAL A 150 -26.34 -2.16 9.79
N LEU A 151 -25.31 -2.14 8.93
CA LEU A 151 -25.32 -1.31 7.74
C LEU A 151 -25.83 -2.05 6.52
N ASN A 152 -26.22 -3.31 6.67
CA ASN A 152 -26.72 -4.14 5.57
C ASN A 152 -25.73 -4.16 4.40
N VAL A 153 -24.46 -4.37 4.73
CA VAL A 153 -23.39 -4.43 3.75
C VAL A 153 -22.76 -5.82 3.81
N GLN A 154 -21.69 -6.03 3.06
CA GLN A 154 -21.07 -7.34 2.97
C GLN A 154 -19.81 -7.40 3.84
N VAL A 155 -19.33 -8.62 4.06
CA VAL A 155 -18.09 -8.85 4.79
C VAL A 155 -17.11 -9.56 3.87
N LYS A 156 -15.82 -9.40 4.20
CA LYS A 156 -14.74 -10.10 3.53
C LYS A 156 -13.79 -10.63 4.58
N TRP A 157 -13.44 -11.91 4.46
CA TRP A 157 -12.53 -12.53 5.41
C TRP A 157 -11.14 -11.92 5.25
N PRO A 158 -10.43 -11.66 6.35
CA PRO A 158 -10.87 -11.95 7.73
C PRO A 158 -11.62 -10.83 8.45
N ASN A 159 -11.41 -9.55 8.09
CA ASN A 159 -11.98 -8.47 8.90
C ASN A 159 -12.36 -7.24 8.07
N ASP A 160 -12.79 -7.42 6.84
CA ASP A 160 -13.08 -6.30 5.95
C ASP A 160 -14.57 -6.12 5.76
N ILE A 161 -15.02 -4.86 5.82
CA ILE A 161 -16.40 -4.49 5.56
C ILE A 161 -16.48 -3.90 4.17
N LEU A 162 -17.46 -4.33 3.38
CA LEU A 162 -17.48 -4.01 1.95
C LEU A 162 -18.84 -3.54 1.50
N PHE A 163 -18.84 -2.58 0.58
CA PHE A 163 -20.01 -2.17 -0.20
C PHE A 163 -19.53 -1.96 -1.63
N ASP A 164 -20.22 -2.57 -2.59
CA ASP A 164 -19.81 -2.53 -3.99
C ASP A 164 -18.35 -2.98 -4.11
N GLU A 165 -18.00 -4.03 -3.37
CA GLU A 165 -16.68 -4.65 -3.41
C GLU A 165 -15.58 -3.65 -3.07
N ARG A 166 -15.93 -2.60 -2.32
CA ARG A 166 -15.00 -1.55 -1.92
C ARG A 166 -14.99 -1.48 -0.40
N LYS A 167 -13.83 -1.15 0.16
CA LYS A 167 -13.69 -1.19 1.61
C LYS A 167 -14.40 -0.01 2.24
N LEU A 168 -15.32 -0.31 3.15
CA LEU A 168 -16.09 0.68 3.88
C LEU A 168 -15.51 0.99 5.25
N GLY A 169 -14.63 0.15 5.76
CA GLY A 169 -14.03 0.39 7.06
C GLY A 169 -12.95 -0.62 7.38
N GLY A 170 -12.38 -0.48 8.57
CA GLY A 170 -11.35 -1.39 9.02
C GLY A 170 -11.53 -1.74 10.49
N ILE A 171 -10.94 -2.87 10.88
CA ILE A 171 -11.02 -3.39 12.24
C ILE A 171 -9.61 -3.75 12.70
N LEU A 172 -9.26 -3.34 13.92
CA LEU A 172 -7.99 -3.70 14.54
C LEU A 172 -8.24 -4.24 15.95
N VAL A 173 -7.89 -5.50 16.18
CA VAL A 173 -7.99 -6.14 17.49
C VAL A 173 -6.60 -6.28 18.06
N GLU A 174 -6.38 -5.74 19.26
CA GLU A 174 -5.09 -5.79 19.94
C GLU A 174 -5.26 -6.39 21.32
N ILE A 175 -4.17 -6.97 21.85
CA ILE A 175 -4.18 -7.63 23.15
C ILE A 175 -3.36 -6.79 24.12
N ALA A 176 -3.98 -6.39 25.22
CA ALA A 176 -3.35 -5.53 26.20
C ALA A 176 -2.44 -6.34 27.12
N ASN A 177 -1.25 -5.81 27.41
CA ASN A 177 -0.31 -6.47 28.30
C ASN A 177 -0.56 -6.02 29.74
N HIS A 178 -1.69 -6.47 30.26
CA HIS A 178 -2.15 -6.15 31.61
C HIS A 178 -2.44 -7.45 32.35
N LYS A 179 -2.06 -7.49 33.63
CA LYS A 179 -2.20 -8.69 34.45
C LYS A 179 -3.49 -8.65 35.25
N ASN A 180 -4.61 -8.70 34.53
CA ASN A 180 -5.93 -8.66 35.16
C ASN A 180 -6.46 -10.02 35.59
N GLY A 181 -5.79 -11.12 35.22
CA GLY A 181 -6.40 -12.42 35.39
C GLY A 181 -7.45 -12.74 34.35
N MET A 182 -7.50 -11.96 33.27
CA MET A 182 -8.50 -12.07 32.23
C MET A 182 -7.80 -11.82 30.90
N LEU A 183 -8.53 -12.05 29.80
CA LEU A 183 -8.04 -11.71 28.47
C LEU A 183 -8.49 -10.30 28.14
N ASN A 184 -7.53 -9.37 28.04
CA ASN A 184 -7.83 -7.96 27.84
C ASN A 184 -7.55 -7.57 26.40
N LEU A 185 -8.57 -7.05 25.72
CA LEU A 185 -8.48 -6.73 24.31
C LEU A 185 -8.97 -5.30 24.05
N VAL A 186 -8.25 -4.59 23.18
CA VAL A 186 -8.70 -3.32 22.64
C VAL A 186 -9.13 -3.57 21.21
N ILE A 187 -10.40 -3.30 20.91
CA ILE A 187 -10.95 -3.47 19.58
C ILE A 187 -11.14 -2.09 18.97
N GLY A 188 -10.46 -1.83 17.86
CA GLY A 188 -10.50 -0.54 17.21
C GLY A 188 -11.31 -0.65 15.92
N ILE A 189 -12.15 0.36 15.67
CA ILE A 189 -13.06 0.35 14.54
C ILE A 189 -13.01 1.72 13.87
N GLY A 190 -12.89 1.70 12.54
CA GLY A 190 -13.03 2.90 11.74
C GLY A 190 -13.96 2.62 10.57
N ILE A 191 -15.05 3.38 10.46
CA ILE A 191 -15.99 3.23 9.36
C ILE A 191 -16.06 4.55 8.61
N ASN A 192 -15.89 4.51 7.30
CA ASN A 192 -15.98 5.71 6.49
C ASN A 192 -17.44 6.10 6.31
N VAL A 193 -17.79 7.32 6.71
CA VAL A 193 -19.12 7.87 6.50
C VAL A 193 -19.13 8.91 5.38
N SER A 194 -18.32 9.96 5.52
CA SER A 194 -18.10 10.89 4.43
C SER A 194 -16.61 11.15 4.31
N LEU A 195 -16.01 10.64 3.24
CA LEU A 195 -14.60 10.86 2.97
C LEU A 195 -14.52 11.80 1.79
N SER A 196 -13.59 12.75 1.84
CA SER A 196 -13.42 13.60 0.67
C SER A 196 -12.75 12.77 -0.41
N LYS A 197 -13.25 12.87 -1.64
CA LYS A 197 -12.69 12.10 -2.73
C LYS A 197 -12.87 12.82 -4.06
N PRO A 204 -11.06 3.69 -4.39
CA PRO A 204 -11.26 2.26 -4.15
C PRO A 204 -11.91 1.99 -2.80
N TYR A 205 -12.47 3.02 -2.19
CA TYR A 205 -13.07 2.94 -0.87
C TYR A 205 -14.54 3.32 -0.97
N ALA A 206 -15.29 3.02 0.08
CA ALA A 206 -16.71 3.29 0.11
C ALA A 206 -17.09 4.03 1.38
N GLU A 207 -18.21 4.75 1.31
CA GLU A 207 -18.72 5.56 2.41
C GLU A 207 -20.19 5.25 2.65
N VAL A 208 -20.60 5.31 3.93
CA VAL A 208 -21.98 5.04 4.28
C VAL A 208 -22.92 6.06 3.65
N CYS A 209 -22.42 7.27 3.38
CA CYS A 209 -23.22 8.29 2.70
C CYS A 209 -23.80 7.78 1.40
N GLU A 210 -23.10 6.86 0.72
CA GLU A 210 -23.65 6.27 -0.50
C GLU A 210 -24.87 5.40 -0.20
N ILE A 211 -24.75 4.53 0.81
CA ILE A 211 -25.85 3.62 1.12
C ILE A 211 -27.01 4.37 1.74
N ASP A 212 -26.72 5.28 2.67
CA ASP A 212 -27.76 6.06 3.37
C ASP A 212 -27.38 7.53 3.29
N PRO A 213 -27.97 8.29 2.37
CA PRO A 213 -27.58 9.71 2.23
C PRO A 213 -27.87 10.55 3.45
N ASP A 214 -28.95 10.26 4.18
CA ASP A 214 -29.35 11.05 5.34
C ASP A 214 -28.84 10.46 6.66
N VAL A 215 -27.77 9.67 6.60
CA VAL A 215 -27.23 9.07 7.82
C VAL A 215 -26.62 10.16 8.70
N GLU A 216 -26.67 9.93 10.01
CA GLU A 216 -26.04 10.80 10.99
C GLU A 216 -25.11 9.96 11.86
N ARG A 217 -23.87 10.43 12.03
CA ARG A 217 -22.91 9.69 12.84
C ARG A 217 -23.39 9.56 14.28
N GLN A 218 -24.17 10.52 14.76
CA GLN A 218 -24.66 10.49 16.14
C GLN A 218 -25.54 9.27 16.38
N THR A 219 -26.36 8.88 15.41
CA THR A 219 -27.25 7.75 15.61
C THR A 219 -26.58 6.42 15.29
N LEU A 220 -25.76 6.39 14.23
CA LEU A 220 -25.16 5.13 13.79
C LEU A 220 -24.17 4.57 14.81
N LEU A 221 -23.39 5.44 15.46
CA LEU A 221 -22.36 4.97 16.37
C LEU A 221 -22.91 4.15 17.54
N PRO A 222 -23.94 4.58 18.27
CA PRO A 222 -24.51 3.70 19.31
C PRO A 222 -25.16 2.46 18.74
N LYS A 223 -25.83 2.58 17.60
CA LYS A 223 -26.43 1.42 16.95
C LYS A 223 -25.39 0.33 16.71
N LEU A 224 -24.25 0.70 16.11
CA LEU A 224 -23.21 -0.27 15.82
C LEU A 224 -22.61 -0.85 17.10
N ILE A 225 -22.34 0.00 18.09
CA ILE A 225 -21.68 -0.45 19.31
C ILE A 225 -22.57 -1.43 20.07
N GLN A 226 -23.88 -1.20 20.07
CA GLN A 226 -24.79 -2.07 20.81
C GLN A 226 -24.86 -3.46 20.18
N HIS A 227 -25.01 -3.52 18.85
CA HIS A 227 -25.04 -4.82 18.18
C HIS A 227 -23.69 -5.53 18.27
N LEU A 228 -22.60 -4.77 18.24
CA LEU A 228 -21.27 -5.37 18.40
C LEU A 228 -21.15 -6.09 19.74
N TYR A 229 -21.66 -5.46 20.81
CA TYR A 229 -21.56 -6.07 22.13
C TYR A 229 -22.46 -7.29 22.24
N THR A 230 -23.61 -7.28 21.55
CA THR A 230 -24.46 -8.47 21.50
C THR A 230 -23.71 -9.65 20.91
N ARG A 231 -23.10 -9.45 19.75
CA ARG A 231 -22.40 -10.54 19.08
C ARG A 231 -21.18 -11.00 19.87
N LEU A 232 -20.52 -10.09 20.57
CA LEU A 232 -19.40 -10.48 21.42
C LEU A 232 -19.87 -11.38 22.56
N ASN A 233 -21.06 -11.08 23.10
CA ASN A 233 -21.63 -11.94 24.14
C ASN A 233 -22.10 -13.26 23.55
N ILE A 234 -22.65 -13.23 22.34
CA ILE A 234 -23.01 -14.47 21.64
C ILE A 234 -21.77 -15.30 21.39
N PHE A 235 -20.66 -14.64 21.02
CA PHE A 235 -19.42 -15.37 20.78
C PHE A 235 -18.92 -16.03 22.05
N GLU A 236 -19.13 -15.39 23.21
CA GLU A 236 -18.70 -15.97 24.48
C GLU A 236 -19.41 -17.28 24.77
N GLN A 237 -20.62 -17.47 24.22
CA GLN A 237 -21.41 -18.66 24.46
C GLN A 237 -21.39 -19.60 23.25
N ASN A 238 -21.95 -19.17 22.11
CA ASN A 238 -22.06 -20.03 20.94
C ASN A 238 -20.72 -20.34 20.29
N GLY A 239 -19.76 -19.42 20.37
CA GLY A 239 -18.53 -19.59 19.63
C GLY A 239 -18.77 -19.35 18.15
N ILE A 240 -17.85 -19.86 17.33
CA ILE A 240 -18.07 -19.84 15.90
C ILE A 240 -18.89 -21.08 15.55
N ASP A 241 -20.19 -21.01 15.83
CA ASP A 241 -21.06 -22.16 15.67
C ASP A 241 -21.63 -22.20 14.25
N GLU A 242 -22.51 -23.18 14.01
CA GLU A 242 -23.11 -23.31 12.68
C GLU A 242 -24.01 -22.13 12.36
N GLU A 243 -24.71 -21.60 13.35
CA GLU A 243 -25.55 -20.42 13.12
C GLU A 243 -24.72 -19.23 12.68
N PHE A 244 -23.56 -19.03 13.31
CA PHE A 244 -22.67 -17.94 12.92
C PHE A 244 -22.16 -18.13 11.50
N GLN A 245 -21.75 -19.36 11.16
CA GLN A 245 -21.23 -19.62 9.82
C GLN A 245 -22.30 -19.39 8.76
N GLN A 246 -23.56 -19.70 9.08
CA GLN A 246 -24.65 -19.35 8.16
C GLN A 246 -24.80 -17.84 8.05
N ALA A 247 -24.63 -17.12 9.17
CA ALA A 247 -24.69 -15.68 9.13
C ALA A 247 -23.52 -15.10 8.33
N TRP A 248 -22.34 -15.71 8.45
CA TRP A 248 -21.19 -15.27 7.65
C TRP A 248 -21.46 -15.45 6.17
N GLN A 249 -22.02 -16.61 5.78
CA GLN A 249 -22.29 -16.88 4.38
C GLN A 249 -23.29 -15.89 3.80
N SER A 250 -24.29 -15.50 4.59
CA SER A 250 -25.30 -14.57 4.10
C SER A 250 -24.70 -13.22 3.71
N TYR A 251 -23.69 -12.77 4.47
CA TYR A 251 -23.08 -11.47 4.24
C TYR A 251 -21.72 -11.55 3.55
N ASN A 252 -21.20 -12.75 3.30
CA ASN A 252 -19.93 -12.89 2.62
C ASN A 252 -20.06 -12.57 1.15
N ALA A 253 -19.23 -11.65 0.66
CA ALA A 253 -19.20 -11.30 -0.75
C ALA A 253 -18.31 -12.22 -1.56
N PHE A 254 -17.53 -13.07 -0.89
CA PHE A 254 -16.61 -14.00 -1.56
C PHE A 254 -17.08 -15.44 -1.43
N SER A 255 -18.36 -15.64 -1.11
CA SER A 255 -18.89 -16.98 -0.87
C SER A 255 -18.85 -17.80 -2.15
N ASN A 256 -18.19 -18.96 -2.09
CA ASN A 256 -18.12 -19.90 -3.22
C ASN A 256 -17.60 -19.22 -4.48
N SER A 257 -16.67 -18.28 -4.29
CA SER A 257 -16.09 -17.51 -5.38
C SER A 257 -14.67 -17.98 -5.67
N GLU A 258 -14.23 -17.77 -6.91
CA GLU A 258 -12.86 -18.07 -7.29
C GLU A 258 -11.95 -17.03 -6.66
N ILE A 259 -11.14 -17.46 -5.69
CA ILE A 259 -10.36 -16.54 -4.88
C ILE A 259 -8.88 -16.89 -4.97
N ASN A 260 -8.05 -15.90 -4.66
CA ASN A 260 -6.61 -16.06 -4.54
C ASN A 260 -6.22 -15.76 -3.10
N VAL A 261 -5.54 -16.70 -2.45
CA VAL A 261 -5.08 -16.54 -1.08
C VAL A 261 -3.60 -16.17 -1.12
N LEU A 262 -3.30 -14.92 -0.78
CA LEU A 262 -1.92 -14.42 -0.77
C LEU A 262 -1.26 -14.77 0.56
N THR A 263 -0.22 -15.60 0.49
CA THR A 263 0.48 -16.09 1.68
C THR A 263 1.96 -15.77 1.57
N GLU A 264 2.65 -15.90 2.71
CA GLU A 264 4.10 -15.68 2.75
C GLU A 264 4.86 -16.63 1.82
N GLN A 265 4.23 -17.73 1.39
CA GLN A 265 4.85 -18.67 0.47
C GLN A 265 4.28 -18.55 -0.94
N GLY A 266 3.53 -17.49 -1.21
CA GLY A 266 2.93 -17.27 -2.52
C GLY A 266 1.41 -17.36 -2.47
N VAL A 267 0.83 -17.41 -3.66
CA VAL A 267 -0.62 -17.37 -3.85
C VAL A 267 -1.14 -18.78 -4.10
N ILE A 268 -2.17 -19.16 -3.34
CA ILE A 268 -2.92 -20.40 -3.56
C ILE A 268 -4.28 -20.05 -4.14
N SER A 269 -4.57 -20.55 -5.33
CA SER A 269 -5.86 -20.35 -5.97
C SER A 269 -6.85 -21.45 -5.57
N GLY A 270 -8.15 -21.15 -5.69
CA GLY A 270 -9.16 -22.11 -5.34
C GLY A 270 -10.54 -21.46 -5.28
N ILE A 271 -11.47 -22.21 -4.69
CA ILE A 271 -12.84 -21.76 -4.49
C ILE A 271 -13.09 -21.61 -2.99
N GLU A 272 -13.67 -20.47 -2.60
CA GLU A 272 -13.97 -20.24 -1.20
C GLU A 272 -15.02 -21.22 -0.70
N GLN A 273 -14.79 -21.77 0.49
CA GLN A 273 -15.70 -22.75 1.08
C GLN A 273 -16.10 -22.38 2.51
N GLY A 274 -16.18 -21.07 2.80
CA GLY A 274 -16.66 -20.62 4.09
C GLY A 274 -15.61 -20.65 5.18
N ILE A 275 -16.06 -20.91 6.42
CA ILE A 275 -15.22 -20.84 7.60
C ILE A 275 -15.46 -22.07 8.47
N ASP A 276 -14.47 -22.37 9.31
CA ASP A 276 -14.53 -23.47 10.25
C ASP A 276 -14.81 -22.95 11.65
N GLU A 277 -14.76 -23.84 12.64
CA GLU A 277 -15.06 -23.48 14.03
C GLU A 277 -14.02 -22.55 14.64
N ARG A 278 -12.85 -22.39 14.03
CA ARG A 278 -11.82 -21.47 14.52
C ARG A 278 -11.80 -20.16 13.75
N GLY A 279 -12.71 -19.95 12.80
CA GLY A 279 -12.71 -18.76 11.98
C GLY A 279 -11.75 -18.80 10.82
N TYR A 280 -11.13 -19.94 10.55
CA TYR A 280 -10.21 -20.08 9.44
C TYR A 280 -10.95 -20.08 8.11
N LEU A 281 -10.32 -19.48 7.10
CA LEU A 281 -10.86 -19.54 5.75
C LEU A 281 -10.69 -20.94 5.17
N LYS A 282 -11.75 -21.46 4.55
CA LYS A 282 -11.72 -22.77 3.91
C LYS A 282 -11.78 -22.59 2.40
N VAL A 283 -10.82 -23.19 1.71
CA VAL A 283 -10.70 -23.04 0.26
C VAL A 283 -10.51 -24.42 -0.36
N LEU A 284 -11.23 -24.69 -1.45
CA LEU A 284 -11.05 -25.92 -2.20
C LEU A 284 -10.04 -25.65 -3.31
N CYS A 285 -8.83 -26.18 -3.12
CA CYS A 285 -7.75 -26.06 -4.10
C CYS A 285 -7.36 -27.46 -4.52
N GLY A 286 -7.58 -27.78 -5.79
CA GLY A 286 -7.42 -29.15 -6.24
C GLY A 286 -8.53 -30.02 -5.69
N ASN A 287 -8.17 -31.06 -4.92
CA ASN A 287 -9.15 -31.99 -4.37
C ASN A 287 -9.15 -32.00 -2.85
N LYS A 288 -8.61 -30.96 -2.21
CA LYS A 288 -8.57 -30.90 -0.75
C LYS A 288 -8.92 -29.50 -0.28
N ILE A 289 -9.46 -29.41 0.93
CA ILE A 289 -9.76 -28.14 1.58
C ILE A 289 -8.54 -27.70 2.38
N GLN A 290 -8.06 -26.49 2.10
CA GLN A 290 -6.94 -25.90 2.82
C GLN A 290 -7.43 -24.77 3.69
N MET A 291 -6.99 -24.74 4.95
CA MET A 291 -7.44 -23.76 5.93
C MET A 291 -6.32 -22.78 6.24
N PHE A 292 -6.69 -21.50 6.42
CA PHE A 292 -5.74 -20.42 6.60
C PHE A 292 -6.14 -19.54 7.78
N ASN A 293 -5.14 -18.95 8.43
CA ASN A 293 -5.32 -18.00 9.51
C ASN A 293 -5.29 -16.56 8.98
N GLY A 294 -6.09 -15.70 9.63
CA GLY A 294 -6.31 -14.36 9.08
C GLY A 294 -5.09 -13.48 9.04
N GLY A 295 -4.34 -13.44 10.16
CA GLY A 295 -3.19 -12.55 10.21
C GLY A 295 -2.12 -12.89 9.20
N GLU A 296 -1.94 -14.19 8.93
CA GLU A 296 -0.86 -14.63 8.06
C GLU A 296 -1.15 -14.38 6.59
N VAL A 297 -2.41 -14.44 6.16
CA VAL A 297 -2.75 -14.46 4.75
C VAL A 297 -3.71 -13.30 4.42
N SER A 298 -3.89 -13.07 3.12
CA SER A 298 -4.79 -12.05 2.60
C SER A 298 -5.69 -12.66 1.52
N LEU A 299 -6.89 -12.12 1.40
CA LEU A 299 -7.90 -12.66 0.47
C LEU A 299 -8.10 -11.71 -0.70
N ARG A 300 -8.14 -12.28 -1.91
CA ARG A 300 -8.46 -11.52 -3.12
C ARG A 300 -9.30 -12.40 -4.04
N LYS A 301 -9.85 -11.78 -5.09
CA LYS A 301 -10.72 -12.45 -6.04
C LYS A 301 -10.02 -12.60 -7.38
N LYS A 302 -9.96 -13.84 -7.88
CA LYS A 302 -9.38 -14.15 -9.19
C LYS A 302 -10.02 -13.27 -10.27
N MET B 1 23.00 -24.51 -14.01
CA MET B 1 22.40 -23.28 -14.59
C MET B 1 20.94 -23.41 -15.03
N MET B 2 20.31 -22.25 -15.14
CA MET B 2 18.86 -22.21 -15.24
C MET B 2 18.42 -22.86 -16.54
N ASN B 3 17.40 -23.71 -16.42
CA ASN B 3 16.73 -24.25 -17.60
C ASN B 3 15.62 -23.28 -17.93
N PHE B 4 15.86 -22.44 -18.94
CA PHE B 4 14.87 -21.43 -19.32
C PHE B 4 13.59 -22.06 -19.85
N THR B 5 13.72 -23.15 -20.63
CA THR B 5 12.55 -23.78 -21.21
C THR B 5 11.63 -24.38 -20.14
N LEU B 6 12.21 -25.01 -19.12
CA LEU B 6 11.40 -25.56 -18.04
C LEU B 6 10.64 -24.47 -17.31
N LEU B 7 11.31 -23.36 -17.02
CA LEU B 7 10.66 -22.24 -16.32
C LEU B 7 9.54 -21.65 -17.16
N THR B 8 9.74 -21.53 -18.47
CA THR B 8 8.71 -20.96 -19.33
C THR B 8 7.46 -21.84 -19.38
N TYR B 9 7.64 -23.15 -19.46
CA TYR B 9 6.49 -24.05 -19.44
C TYR B 9 5.78 -23.99 -18.08
N LEU B 10 6.55 -23.83 -17.01
CA LEU B 10 5.98 -23.71 -15.67
C LEU B 10 5.45 -22.31 -15.38
N ALA B 11 5.71 -21.35 -16.27
CA ALA B 11 5.40 -19.96 -15.99
C ALA B 11 3.90 -19.73 -15.86
N ASP B 12 3.06 -20.51 -16.54
CA ASP B 12 1.62 -20.35 -16.42
C ASP B 12 1.14 -20.57 -14.99
N CYS B 13 1.99 -21.13 -14.12
CA CYS B 13 1.69 -21.33 -12.70
C CYS B 13 0.52 -22.28 -12.48
N GLN B 14 0.35 -23.22 -13.41
CA GLN B 14 -0.66 -24.27 -13.34
C GLN B 14 0.02 -25.62 -13.17
N PRO B 15 -0.70 -26.63 -12.68
CA PRO B 15 -0.05 -27.92 -12.37
C PRO B 15 0.39 -28.65 -13.62
N LYS B 16 1.60 -29.23 -13.55
CA LYS B 16 2.25 -29.88 -14.69
C LYS B 16 2.84 -31.20 -14.23
N VAL B 17 2.44 -32.30 -14.89
CA VAL B 17 2.92 -33.63 -14.53
C VAL B 17 4.28 -33.90 -15.16
N ARG B 18 4.98 -34.91 -14.63
CA ARG B 18 6.36 -35.18 -15.05
C ARG B 18 6.47 -35.55 -16.52
N SER B 19 5.43 -36.16 -17.11
CA SER B 19 5.53 -36.65 -18.48
C SER B 19 5.87 -35.53 -19.45
N GLU B 20 5.10 -34.43 -19.39
CA GLU B 20 5.43 -33.26 -20.19
C GLU B 20 6.75 -32.63 -19.72
N LEU B 21 6.96 -32.58 -18.40
CA LEU B 21 8.14 -31.92 -17.86
C LEU B 21 9.42 -32.62 -18.30
N GLU B 22 9.37 -33.95 -18.42
CA GLU B 22 10.55 -34.71 -18.84
C GLU B 22 11.00 -34.35 -20.25
N LYS B 23 10.14 -33.69 -21.03
CA LYS B 23 10.54 -33.24 -22.36
C LYS B 23 11.53 -32.08 -22.27
N PHE B 24 11.31 -31.16 -21.32
CA PHE B 24 12.12 -29.95 -21.27
C PHE B 24 13.45 -30.15 -20.53
N SER B 25 13.50 -31.10 -19.60
CA SER B 25 14.73 -31.40 -18.88
C SER B 25 15.02 -32.89 -18.94
N LYS B 26 16.30 -33.24 -18.95
CA LYS B 26 16.72 -34.63 -18.90
C LYS B 26 16.80 -35.11 -17.46
N ASN B 27 17.53 -34.39 -16.61
CA ASN B 27 17.51 -34.58 -15.17
C ASN B 27 16.58 -33.53 -14.56
N LEU B 28 15.31 -33.90 -14.38
CA LEU B 28 14.30 -32.92 -13.96
C LEU B 28 14.54 -32.45 -12.53
N GLU B 29 14.72 -33.40 -11.60
CA GLU B 29 14.80 -33.03 -10.19
C GLU B 29 15.99 -32.13 -9.92
N GLU B 30 17.09 -32.33 -10.64
CA GLU B 30 18.23 -31.43 -10.50
C GLU B 30 17.89 -30.02 -10.98
N ASP B 31 17.04 -29.91 -12.01
CA ASP B 31 16.68 -28.60 -12.54
C ASP B 31 15.57 -27.94 -11.73
N ILE B 32 14.62 -28.73 -11.23
CA ILE B 32 13.59 -28.19 -10.34
C ILE B 32 14.23 -27.65 -9.06
N GLN B 33 15.23 -28.35 -8.53
CA GLN B 33 15.89 -27.89 -7.32
C GLN B 33 16.76 -26.65 -7.58
N GLN B 34 17.40 -26.59 -8.75
CA GLN B 34 18.19 -25.41 -9.09
C GLN B 34 17.29 -24.18 -9.19
N LEU B 35 16.10 -24.34 -9.76
CA LEU B 35 15.15 -23.23 -9.80
C LEU B 35 14.70 -22.85 -8.40
N ARG B 36 14.55 -23.83 -7.52
CA ARG B 36 14.20 -23.54 -6.14
C ARG B 36 15.31 -22.75 -5.46
N GLU B 37 16.57 -23.03 -5.81
CA GLU B 37 17.70 -22.35 -5.19
C GLU B 37 17.75 -20.86 -5.55
N ILE B 38 17.33 -20.49 -6.75
CA ILE B 38 17.42 -19.11 -7.19
C ILE B 38 16.24 -18.30 -6.67
N GLY B 39 15.44 -18.91 -5.79
CA GLY B 39 14.32 -18.23 -5.15
C GLY B 39 12.95 -18.56 -5.71
N LEU B 40 12.87 -19.28 -6.81
CA LEU B 40 11.59 -19.70 -7.36
C LEU B 40 11.01 -20.85 -6.54
N ASP B 41 9.69 -20.89 -6.42
CA ASP B 41 8.99 -21.87 -5.59
C ASP B 41 8.24 -22.87 -6.47
N ILE B 42 8.76 -24.09 -6.57
CA ILE B 42 8.07 -25.19 -7.23
C ILE B 42 7.67 -26.21 -6.16
N LEU B 43 6.37 -26.40 -5.98
CA LEU B 43 5.84 -27.33 -5.00
C LEU B 43 5.19 -28.48 -5.74
N VAL B 44 5.60 -29.71 -5.43
CA VAL B 44 5.05 -30.91 -6.05
C VAL B 44 4.07 -31.56 -5.08
N ASP B 45 2.79 -31.56 -5.47
CA ASP B 45 1.74 -32.27 -4.75
C ASP B 45 1.38 -33.52 -5.56
N GLY B 46 1.64 -34.69 -4.98
CA GLY B 46 1.47 -35.93 -5.72
C GLY B 46 2.43 -35.95 -6.90
N GLN B 47 1.90 -36.21 -8.09
CA GLN B 47 2.67 -36.16 -9.32
C GLN B 47 2.55 -34.80 -10.00
N ASP B 48 1.87 -33.84 -9.39
CA ASP B 48 1.58 -32.55 -10.00
C ASP B 48 2.60 -31.53 -9.53
N TYR B 49 3.34 -30.96 -10.47
CA TYR B 49 4.32 -29.90 -10.19
C TYR B 49 3.69 -28.56 -10.55
N ARG B 50 3.73 -27.62 -9.61
CA ARG B 50 3.16 -26.30 -9.83
C ARG B 50 4.11 -25.23 -9.36
N LEU B 51 4.24 -24.17 -10.17
CA LEU B 51 5.00 -22.99 -9.79
C LEU B 51 4.08 -22.03 -9.05
N VAL B 52 4.61 -21.40 -8.01
CA VAL B 52 3.81 -20.57 -7.12
C VAL B 52 4.13 -19.11 -7.40
N PRO B 53 3.13 -18.28 -7.75
CA PRO B 53 3.39 -16.85 -7.86
C PRO B 53 3.26 -16.18 -6.50
N MET B 54 4.13 -15.20 -6.24
CA MET B 54 4.08 -14.47 -4.98
C MET B 54 2.81 -13.64 -4.89
N LEU B 55 2.39 -13.06 -5.99
CA LEU B 55 1.20 -12.23 -6.07
C LEU B 55 0.37 -12.72 -7.26
N PRO B 56 -0.92 -12.38 -7.31
CA PRO B 56 -1.72 -12.77 -8.48
C PRO B 56 -1.06 -12.32 -9.78
N LEU B 57 -1.07 -13.21 -10.76
CA LEU B 57 -0.45 -12.94 -12.03
C LEU B 57 -1.19 -11.82 -12.76
N LEU B 58 -0.48 -11.15 -13.66
CA LEU B 58 -1.05 -10.04 -14.38
C LEU B 58 -1.89 -10.51 -15.55
N ASN B 59 -2.95 -9.76 -15.84
CA ASN B 59 -3.81 -10.06 -16.97
C ASN B 59 -3.43 -9.14 -18.13
N PRO B 60 -2.90 -9.67 -19.23
CA PRO B 60 -2.38 -8.78 -20.30
C PRO B 60 -3.42 -7.86 -20.91
N GLN B 61 -4.60 -8.40 -21.26
CA GLN B 61 -5.60 -7.59 -21.97
C GLN B 61 -6.21 -6.51 -21.09
N GLN B 62 -6.30 -6.75 -19.78
CA GLN B 62 -6.70 -5.68 -18.87
C GLN B 62 -5.71 -4.53 -18.90
N ILE B 63 -4.42 -4.85 -19.00
CA ILE B 63 -3.40 -3.80 -19.10
C ILE B 63 -3.55 -3.04 -20.41
N SER B 64 -3.87 -3.76 -21.49
CA SER B 64 -4.03 -3.11 -22.79
C SER B 64 -5.22 -2.15 -22.80
N THR B 65 -6.34 -2.57 -22.19
CA THR B 65 -7.52 -1.72 -22.16
C THR B 65 -7.32 -0.50 -21.27
N ALA B 66 -6.45 -0.61 -20.26
CA ALA B 66 -6.16 0.51 -19.37
C ALA B 66 -5.12 1.46 -19.94
N LEU B 67 -4.24 1.01 -20.83
CA LEU B 67 -3.16 1.83 -21.34
C LEU B 67 -3.29 2.09 -22.84
N PHE B 68 -4.51 2.05 -23.36
CA PHE B 68 -4.71 2.41 -24.76
C PHE B 68 -4.31 3.86 -24.98
N PRO B 69 -3.62 4.18 -26.09
CA PRO B 69 -3.28 3.32 -27.24
C PRO B 69 -1.94 2.58 -27.18
N TYR B 70 -1.28 2.57 -26.03
CA TYR B 70 0.06 1.98 -25.96
C TYR B 70 0.00 0.46 -26.06
N SER B 71 0.83 -0.11 -26.94
CA SER B 71 0.85 -1.54 -27.15
C SER B 71 1.68 -2.22 -26.07
N ILE B 72 1.13 -3.28 -25.47
CA ILE B 72 1.76 -3.97 -24.35
C ILE B 72 2.01 -5.42 -24.73
N HIS B 73 3.25 -5.87 -24.54
CA HIS B 73 3.64 -7.26 -24.71
C HIS B 73 3.91 -7.86 -23.35
N TYR B 74 3.27 -8.99 -23.05
CA TYR B 74 3.40 -9.67 -21.77
C TYR B 74 4.06 -11.02 -21.98
N GLN B 75 5.19 -11.24 -21.32
CA GLN B 75 5.89 -12.52 -21.33
C GLN B 75 6.13 -12.89 -19.88
N PRO B 76 5.63 -14.03 -19.40
CA PRO B 76 5.89 -14.40 -18.00
C PRO B 76 7.36 -14.55 -17.68
N ILE B 77 8.14 -15.17 -18.57
CA ILE B 77 9.58 -15.32 -18.36
C ILE B 77 10.31 -14.66 -19.52
N ILE B 78 11.27 -13.79 -19.19
CA ILE B 78 12.08 -13.11 -20.18
C ILE B 78 13.47 -12.90 -19.58
N SER B 79 14.47 -12.81 -20.46
CA SER B 79 15.81 -12.49 -19.98
C SER B 79 15.89 -11.03 -19.53
N SER B 80 15.40 -10.12 -20.36
CA SER B 80 15.40 -8.70 -20.03
C SER B 80 14.23 -8.01 -20.71
N THR B 81 13.47 -7.22 -19.95
CA THR B 81 12.45 -6.38 -20.56
C THR B 81 13.07 -5.35 -21.49
N ASN B 82 14.25 -4.85 -21.13
CA ASN B 82 14.95 -3.87 -21.96
C ASN B 82 15.37 -4.48 -23.29
N GLU B 83 15.80 -5.74 -23.27
CA GLU B 83 16.26 -6.35 -24.51
C GLU B 83 15.13 -6.48 -25.51
N TRP B 84 13.93 -6.88 -25.05
CA TRP B 84 12.80 -7.03 -25.97
C TRP B 84 12.45 -5.72 -26.65
N ILE B 85 12.40 -4.63 -25.89
CA ILE B 85 12.14 -3.33 -26.48
C ILE B 85 13.22 -2.99 -27.51
N LEU B 86 14.47 -3.33 -27.19
CA LEU B 86 15.57 -3.07 -28.10
C LEU B 86 15.47 -3.93 -29.37
N GLN B 87 15.26 -5.24 -29.22
CA GLN B 87 15.27 -6.12 -30.39
C GLN B 87 14.04 -5.93 -31.27
N ASN B 88 12.94 -5.41 -30.72
CA ASN B 88 11.73 -5.21 -31.50
C ASN B 88 11.47 -3.74 -31.78
N ILE B 89 12.50 -2.90 -31.69
CA ILE B 89 12.31 -1.44 -31.73
C ILE B 89 11.66 -1.00 -33.03
N LEU B 90 11.92 -1.71 -34.13
CA LEU B 90 11.41 -1.29 -35.44
C LEU B 90 9.91 -1.47 -35.58
N SER B 91 9.27 -2.21 -34.68
CA SER B 91 7.83 -2.48 -34.75
C SER B 91 7.06 -1.74 -33.67
N LEU B 92 7.72 -0.82 -32.96
CA LEU B 92 7.15 -0.18 -31.78
C LEU B 92 6.96 1.31 -32.02
N LYS B 93 6.11 1.90 -31.18
CA LYS B 93 5.88 3.32 -31.18
C LYS B 93 6.20 3.85 -29.79
N LYS B 94 6.41 5.16 -29.70
CA LYS B 94 6.74 5.79 -28.42
C LYS B 94 5.71 5.40 -27.37
N GLY B 95 6.19 4.80 -26.29
CA GLY B 95 5.34 4.39 -25.18
C GLY B 95 4.95 2.93 -25.19
N ASP B 96 5.35 2.17 -26.21
CA ASP B 96 5.08 0.75 -26.24
C ASP B 96 5.91 0.03 -25.18
N LEU B 97 5.31 -0.96 -24.54
CA LEU B 97 5.84 -1.53 -23.31
C LEU B 97 6.03 -3.03 -23.43
N CYS B 98 6.98 -3.55 -22.66
CA CYS B 98 7.17 -4.99 -22.45
C CYS B 98 7.11 -5.24 -20.94
N VAL B 99 6.03 -5.91 -20.50
CA VAL B 99 5.83 -6.24 -19.09
C VAL B 99 6.09 -7.73 -18.90
N ALA B 100 6.72 -8.07 -17.78
CA ALA B 100 7.08 -9.45 -17.50
C ALA B 100 6.84 -9.76 -16.02
N GLU B 101 6.80 -11.04 -15.70
CA GLU B 101 6.65 -11.49 -14.32
C GLU B 101 7.98 -11.84 -13.67
N TYR B 102 8.94 -12.34 -14.45
CA TYR B 102 10.26 -12.69 -13.95
C TYR B 102 11.28 -12.39 -15.02
N GLN B 103 12.42 -11.83 -14.62
CA GLN B 103 13.54 -11.57 -15.53
C GLN B 103 14.69 -12.50 -15.15
N THR B 104 15.09 -13.37 -16.09
CA THR B 104 16.16 -14.32 -15.82
C THR B 104 17.53 -13.64 -15.77
N ALA B 105 17.70 -12.55 -16.51
CA ALA B 105 18.93 -11.77 -16.45
C ALA B 105 18.68 -10.43 -15.76
N GLY B 108 19.83 -9.34 -11.27
CA GLY B 108 20.21 -10.15 -10.13
C GLY B 108 21.04 -9.41 -9.11
N ARG B 109 20.49 -9.20 -7.92
CA ARG B 109 21.12 -8.41 -6.86
C ARG B 109 21.49 -7.02 -7.38
N ARG B 110 20.57 -6.40 -8.14
CA ARG B 110 20.85 -5.15 -8.83
C ARG B 110 19.81 -4.13 -8.40
N GLY B 111 18.80 -3.86 -9.23
CA GLY B 111 17.83 -2.83 -8.92
C GLY B 111 16.79 -3.25 -7.90
N ARG B 112 17.18 -3.31 -6.62
CA ARG B 112 16.34 -3.69 -5.49
C ARG B 112 15.84 -5.12 -5.58
N GLN B 113 16.41 -5.94 -6.45
CA GLN B 113 15.95 -7.30 -6.73
C GLN B 113 17.12 -8.25 -6.50
N TRP B 114 17.10 -9.00 -5.39
CA TRP B 114 18.19 -9.91 -5.07
C TRP B 114 17.77 -11.35 -5.33
N LEU B 115 17.15 -12.04 -4.39
CA LEU B 115 16.52 -13.35 -4.60
C LEU B 115 15.11 -13.11 -5.12
N SER B 116 15.06 -12.66 -6.37
CA SER B 116 13.84 -12.11 -6.93
C SER B 116 12.71 -13.14 -6.99
N PRO B 117 11.51 -12.76 -6.59
CA PRO B 117 10.36 -13.68 -6.65
C PRO B 117 9.59 -13.53 -7.95
N PHE B 118 9.02 -14.65 -8.40
CA PHE B 118 8.13 -14.63 -9.55
C PHE B 118 6.82 -13.93 -9.19
N ALA B 119 6.42 -12.97 -10.02
CA ALA B 119 5.19 -12.19 -9.80
C ALA B 119 5.22 -11.42 -8.49
N GLY B 120 6.40 -10.96 -8.08
CA GLY B 120 6.53 -10.20 -6.85
C GLY B 120 6.90 -8.75 -7.11
N GLN B 121 7.06 -8.40 -8.39
CA GLN B 121 7.56 -7.10 -8.77
C GLN B 121 6.74 -6.54 -9.93
N ILE B 122 6.64 -5.22 -9.98
CA ILE B 122 6.15 -4.52 -11.16
C ILE B 122 7.36 -4.25 -12.04
N MET B 123 7.50 -5.01 -13.13
CA MET B 123 8.68 -4.96 -13.98
C MET B 123 8.23 -4.68 -15.42
N PHE B 124 8.62 -3.51 -15.94
CA PHE B 124 8.27 -3.17 -17.31
C PHE B 124 9.35 -2.27 -17.89
N SER B 125 9.48 -2.32 -19.21
CA SER B 125 10.35 -1.43 -19.96
C SER B 125 9.55 -0.87 -21.13
N PHE B 126 9.90 0.32 -21.58
CA PHE B 126 9.15 0.96 -22.66
C PHE B 126 10.08 1.75 -23.56
N TYR B 127 9.61 1.94 -24.79
CA TYR B 127 10.32 2.71 -25.80
C TYR B 127 9.87 4.16 -25.72
N TRP B 128 10.83 5.08 -25.64
CA TRP B 128 10.53 6.50 -25.67
C TRP B 128 11.48 7.18 -26.64
N ALA B 129 10.98 8.22 -27.29
CA ALA B 129 11.75 8.99 -28.25
C ALA B 129 11.64 10.47 -27.93
N PHE B 130 12.74 11.18 -28.17
CA PHE B 130 12.80 12.62 -28.01
C PHE B 130 13.34 13.22 -29.29
N ASP B 131 13.25 14.54 -29.41
CA ASP B 131 13.89 15.20 -30.52
C ASP B 131 15.39 14.93 -30.45
N PRO B 132 16.06 14.68 -31.58
CA PRO B 132 17.47 14.29 -31.52
C PRO B 132 18.36 15.30 -30.82
N LYS B 133 18.05 16.59 -30.99
CA LYS B 133 18.82 17.63 -30.32
C LYS B 133 18.57 17.62 -28.81
N LYS B 134 17.33 17.33 -28.39
CA LYS B 134 16.94 17.42 -26.99
C LYS B 134 17.94 16.68 -26.10
N SER B 135 18.13 17.21 -24.90
CA SER B 135 19.04 16.62 -23.92
C SER B 135 18.29 15.76 -22.93
N ILE B 136 18.88 14.62 -22.58
CA ILE B 136 18.27 13.70 -21.63
C ILE B 136 18.91 13.84 -20.25
N GLU B 137 19.53 14.99 -19.97
CA GLU B 137 20.15 15.24 -18.68
C GLU B 137 19.06 15.53 -17.65
N GLY B 138 19.02 14.74 -16.59
CA GLY B 138 17.95 14.80 -15.62
C GLY B 138 16.81 13.85 -15.91
N LEU B 139 16.91 13.06 -16.98
CA LEU B 139 15.83 12.16 -17.36
C LEU B 139 15.61 11.10 -16.28
N SER B 140 16.69 10.49 -15.79
CA SER B 140 16.56 9.50 -14.72
C SER B 140 15.95 10.11 -13.47
N LEU B 141 16.13 11.42 -13.26
CA LEU B 141 15.50 12.08 -12.13
C LEU B 141 14.01 12.25 -12.37
N VAL B 142 13.61 12.48 -13.62
CA VAL B 142 12.19 12.58 -13.96
C VAL B 142 11.50 11.23 -13.75
N ILE B 143 12.17 10.15 -14.16
CA ILE B 143 11.59 8.82 -14.00
C ILE B 143 11.39 8.50 -12.52
N GLY B 144 12.36 8.82 -11.69
CA GLY B 144 12.23 8.55 -10.26
C GLY B 144 11.15 9.38 -9.60
N LEU B 145 11.05 10.66 -9.96
CA LEU B 145 10.08 11.55 -9.33
C LEU B 145 8.64 11.12 -9.63
N ALA B 146 8.37 10.73 -10.88
CA ALA B 146 7.03 10.26 -11.23
C ALA B 146 6.65 9.04 -10.41
N ILE B 147 7.58 8.08 -10.27
CA ILE B 147 7.30 6.88 -9.48
C ILE B 147 7.08 7.24 -8.01
N ALA B 148 7.91 8.14 -7.48
CA ALA B 148 7.77 8.54 -6.08
C ALA B 148 6.47 9.30 -5.86
N GLU B 149 6.07 10.12 -6.83
CA GLU B 149 4.83 10.87 -6.70
C GLU B 149 3.63 9.93 -6.67
N VAL B 150 3.63 8.90 -7.52
CA VAL B 150 2.52 7.96 -7.57
C VAL B 150 2.43 7.16 -6.28
N LEU B 151 3.57 6.69 -5.76
CA LEU B 151 3.60 5.81 -4.61
C LEU B 151 3.73 6.54 -3.29
N ASN B 152 3.77 7.87 -3.31
CA ASN B 152 3.93 8.69 -2.11
C ASN B 152 5.14 8.24 -1.30
N VAL B 153 6.25 8.04 -2.01
CA VAL B 153 7.52 7.64 -1.40
C VAL B 153 8.55 8.71 -1.71
N GLN B 154 9.80 8.47 -1.31
CA GLN B 154 10.88 9.43 -1.48
C GLN B 154 11.79 9.05 -2.64
N VAL B 155 12.63 10.00 -3.04
CA VAL B 155 13.62 9.77 -4.08
C VAL B 155 15.01 9.98 -3.50
N LYS B 156 16.00 9.37 -4.15
CA LYS B 156 17.40 9.56 -3.84
C LYS B 156 18.16 9.75 -5.15
N TRP B 157 18.99 10.78 -5.20
CA TRP B 157 19.75 11.05 -6.41
C TRP B 157 20.77 9.93 -6.64
N PRO B 158 20.95 9.48 -7.90
CA PRO B 158 20.27 10.01 -9.07
C PRO B 158 18.95 9.32 -9.47
N ASN B 159 18.75 8.04 -9.12
CA ASN B 159 17.60 7.33 -9.66
C ASN B 159 17.04 6.27 -8.72
N ASP B 160 17.09 6.50 -7.41
CA ASP B 160 16.67 5.50 -6.45
C ASP B 160 15.33 5.90 -5.83
N ILE B 161 14.45 4.91 -5.70
CA ILE B 161 13.15 5.08 -5.05
C ILE B 161 13.28 4.50 -3.65
N LEU B 162 12.82 5.24 -2.65
CA LEU B 162 13.11 4.90 -1.27
C LEU B 162 11.88 4.98 -0.40
N PHE B 163 11.79 4.06 0.56
CA PHE B 163 10.80 4.11 1.63
C PHE B 163 11.51 3.70 2.91
N ASP B 164 11.40 4.55 3.95
CA ASP B 164 12.10 4.33 5.22
C ASP B 164 13.59 4.07 4.99
N GLU B 165 14.18 4.87 4.10
CA GLU B 165 15.61 4.80 3.79
C GLU B 165 16.01 3.45 3.19
N ARG B 166 15.05 2.75 2.58
CA ARG B 166 15.30 1.46 1.96
C ARG B 166 14.86 1.52 0.50
N LYS B 167 15.58 0.79 -0.36
CA LYS B 167 15.34 0.86 -1.79
C LYS B 167 14.07 0.10 -2.16
N LEU B 168 13.15 0.80 -2.81
CA LEU B 168 11.87 0.24 -3.23
C LEU B 168 11.87 -0.18 -4.70
N GLY B 169 12.84 0.30 -5.49
CA GLY B 169 12.89 -0.08 -6.89
C GLY B 169 14.15 0.45 -7.56
N GLY B 170 14.25 0.16 -8.85
CA GLY B 170 15.38 0.60 -9.64
C GLY B 170 14.95 1.08 -11.02
N ILE B 171 15.81 1.88 -11.63
CA ILE B 171 15.58 2.46 -12.95
C ILE B 171 16.82 2.22 -13.81
N LEU B 172 16.60 1.78 -15.05
CA LEU B 172 17.67 1.60 -16.02
C LEU B 172 17.29 2.30 -17.31
N VAL B 173 18.06 3.33 -17.69
CA VAL B 173 17.87 4.06 -18.94
C VAL B 173 18.98 3.67 -19.90
N GLU B 174 18.60 3.18 -21.07
CA GLU B 174 19.55 2.76 -22.11
C GLU B 174 19.22 3.49 -23.41
N ILE B 175 20.23 3.64 -24.26
CA ILE B 175 20.09 4.37 -25.53
C ILE B 175 20.17 3.37 -26.67
N ALA B 176 19.12 3.33 -27.50
CA ALA B 176 19.04 2.38 -28.59
C ALA B 176 19.76 2.88 -29.84
N ASN B 177 20.55 1.99 -30.45
CA ASN B 177 21.28 2.27 -31.69
C ASN B 177 20.45 1.78 -32.88
N HIS B 178 19.43 2.56 -33.24
CA HIS B 178 18.52 2.15 -34.29
C HIS B 178 18.53 3.08 -35.51
N LYS B 179 19.13 4.27 -35.40
CA LYS B 179 19.20 5.24 -36.49
C LYS B 179 17.80 5.62 -36.99
N ASN B 180 17.02 6.20 -36.08
CA ASN B 180 15.69 6.70 -36.39
C ASN B 180 15.71 8.14 -36.86
N GLY B 181 16.86 8.80 -36.81
CA GLY B 181 16.92 10.23 -36.92
C GLY B 181 16.49 10.93 -35.64
N MET B 182 16.38 10.18 -34.55
CA MET B 182 15.89 10.66 -33.27
C MET B 182 16.70 9.99 -32.16
N LEU B 183 16.46 10.42 -30.93
CA LEU B 183 17.06 9.81 -29.76
C LEU B 183 16.14 8.71 -29.25
N ASN B 184 16.57 7.46 -29.36
CA ASN B 184 15.77 6.30 -29.01
C ASN B 184 16.27 5.76 -27.67
N LEU B 185 15.37 5.69 -26.68
CA LEU B 185 15.74 5.30 -25.33
C LEU B 185 14.84 4.18 -24.84
N VAL B 186 15.45 3.20 -24.18
CA VAL B 186 14.73 2.15 -23.46
C VAL B 186 14.84 2.46 -21.97
N ILE B 187 13.71 2.67 -21.32
CA ILE B 187 13.66 2.96 -19.89
C ILE B 187 13.09 1.74 -19.18
N GLY B 188 13.89 1.18 -18.26
CA GLY B 188 13.52 -0.03 -17.54
C GLY B 188 13.20 0.30 -16.10
N ILE B 189 12.15 -0.30 -15.57
CA ILE B 189 11.66 -0.04 -14.22
C ILE B 189 11.38 -1.35 -13.52
N GLY B 190 11.86 -1.48 -12.28
CA GLY B 190 11.49 -2.58 -11.42
C GLY B 190 11.09 -2.05 -10.06
N ILE B 191 9.86 -2.35 -9.61
CA ILE B 191 9.36 -1.91 -8.32
C ILE B 191 9.00 -3.14 -7.49
N ASN B 192 9.51 -3.21 -6.27
CA ASN B 192 9.18 -4.31 -5.37
C ASN B 192 7.81 -4.11 -4.77
N VAL B 193 6.94 -5.11 -4.94
CA VAL B 193 5.63 -5.14 -4.30
C VAL B 193 5.60 -6.16 -3.17
N SER B 194 5.94 -7.41 -3.46
CA SER B 194 6.07 -8.47 -2.47
C SER B 194 7.39 -9.20 -2.68
N LEU B 195 8.21 -9.25 -1.63
CA LEU B 195 9.55 -9.81 -1.66
C LEU B 195 9.59 -11.21 -1.07
N SER B 196 10.61 -11.95 -1.47
CA SER B 196 10.87 -13.31 -0.98
C SER B 196 11.26 -13.32 0.49
N LYS B 197 10.85 -14.37 1.19
CA LYS B 197 11.20 -14.57 2.59
C LYS B 197 12.72 -14.70 2.76
N PRO B 204 17.37 -5.14 3.32
CA PRO B 204 17.85 -3.82 2.89
C PRO B 204 16.98 -3.22 1.80
N TYR B 205 15.81 -3.82 1.58
CA TYR B 205 14.90 -3.43 0.51
C TYR B 205 13.53 -3.08 1.11
N ALA B 206 12.69 -2.48 0.27
CA ALA B 206 11.35 -2.10 0.67
C ALA B 206 10.35 -2.62 -0.34
N GLU B 207 9.11 -2.83 0.10
CA GLU B 207 8.03 -3.35 -0.72
C GLU B 207 6.80 -2.47 -0.59
N VAL B 208 6.05 -2.34 -1.68
CA VAL B 208 4.83 -1.55 -1.65
C VAL B 208 3.79 -2.18 -0.72
N CYS B 209 3.85 -3.51 -0.56
CA CYS B 209 2.96 -4.19 0.37
C CYS B 209 3.03 -3.59 1.77
N GLU B 210 4.17 -3.01 2.13
CA GLU B 210 4.28 -2.31 3.41
C GLU B 210 3.42 -1.06 3.44
N ILE B 211 3.54 -0.22 2.40
CA ILE B 211 2.81 1.04 2.37
C ILE B 211 1.33 0.79 2.10
N ASP B 212 1.01 -0.06 1.14
CA ASP B 212 -0.37 -0.35 0.76
C ASP B 212 -0.55 -1.86 0.74
N PRO B 213 -1.08 -2.43 1.84
CA PRO B 213 -1.20 -3.90 1.89
C PRO B 213 -2.15 -4.47 0.86
N ASP B 214 -3.21 -3.74 0.51
CA ASP B 214 -4.19 -4.22 -0.45
C ASP B 214 -3.89 -3.75 -1.86
N VAL B 215 -2.64 -3.42 -2.14
CA VAL B 215 -2.26 -2.99 -3.49
C VAL B 215 -2.37 -4.15 -4.45
N GLU B 216 -2.71 -3.84 -5.69
CA GLU B 216 -2.76 -4.82 -6.77
C GLU B 216 -1.86 -4.34 -7.90
N ARG B 217 -0.98 -5.22 -8.38
CA ARG B 217 -0.09 -4.87 -9.46
C ARG B 217 -0.87 -4.50 -10.72
N GLN B 218 -2.07 -5.07 -10.88
CA GLN B 218 -2.88 -4.77 -12.05
C GLN B 218 -3.27 -3.31 -12.11
N THR B 219 -3.56 -2.70 -10.96
CA THR B 219 -3.96 -1.30 -10.91
C THR B 219 -2.77 -0.34 -10.85
N LEU B 220 -1.75 -0.68 -10.07
CA LEU B 220 -0.62 0.23 -9.86
C LEU B 220 0.18 0.45 -11.14
N LEU B 221 0.37 -0.60 -11.94
CA LEU B 221 1.20 -0.49 -13.14
C LEU B 221 0.67 0.54 -14.13
N PRO B 222 -0.63 0.57 -14.48
CA PRO B 222 -1.12 1.64 -15.36
C PRO B 222 -1.00 3.02 -14.71
N LYS B 223 -1.25 3.10 -13.40
CA LYS B 223 -1.07 4.36 -12.68
C LYS B 223 0.34 4.90 -12.86
N LEU B 224 1.34 4.04 -12.64
CA LEU B 224 2.73 4.46 -12.74
C LEU B 224 3.08 4.86 -14.18
N ILE B 225 2.68 4.03 -15.14
CA ILE B 225 3.05 4.29 -16.53
C ILE B 225 2.42 5.58 -17.02
N GLN B 226 1.19 5.88 -16.58
CA GLN B 226 0.51 7.08 -17.04
C GLN B 226 1.18 8.35 -16.51
N HIS B 227 1.49 8.39 -15.21
CA HIS B 227 2.16 9.56 -14.66
C HIS B 227 3.58 9.68 -15.19
N LEU B 228 4.27 8.55 -15.41
CA LEU B 228 5.60 8.59 -15.97
C LEU B 228 5.59 9.26 -17.34
N TYR B 229 4.60 8.92 -18.17
CA TYR B 229 4.51 9.51 -19.49
C TYR B 229 4.15 10.99 -19.42
N THR B 230 3.36 11.38 -18.41
CA THR B 230 3.07 12.79 -18.19
C THR B 230 4.35 13.58 -17.91
N ARG B 231 5.16 13.11 -16.96
CA ARG B 231 6.37 13.81 -16.59
C ARG B 231 7.39 13.81 -17.72
N LEU B 232 7.44 12.73 -18.51
CA LEU B 232 8.34 12.71 -19.66
C LEU B 232 7.93 13.76 -20.68
N ASN B 233 6.62 13.97 -20.85
CA ASN B 233 6.15 15.01 -21.76
C ASN B 233 6.41 16.39 -21.18
N ILE B 234 6.24 16.55 -19.87
CA ILE B 234 6.57 17.81 -19.21
C ILE B 234 8.05 18.12 -19.35
N PHE B 235 8.91 17.10 -19.20
CA PHE B 235 10.35 17.30 -19.29
C PHE B 235 10.77 17.78 -20.67
N GLU B 236 10.09 17.30 -21.72
CA GLU B 236 10.42 17.73 -23.07
C GLU B 236 10.17 19.22 -23.28
N GLN B 237 9.29 19.83 -22.47
CA GLN B 237 8.97 21.24 -22.59
C GLN B 237 9.63 22.05 -21.49
N ASN B 238 9.26 21.80 -20.23
CA ASN B 238 9.79 22.59 -19.12
C ASN B 238 11.26 22.31 -18.87
N GLY B 239 11.72 21.08 -19.13
CA GLY B 239 13.07 20.72 -18.77
C GLY B 239 13.21 20.52 -17.26
N ILE B 240 14.44 20.57 -16.79
CA ILE B 240 14.71 20.57 -15.34
C ILE B 240 14.62 22.03 -14.91
N ASP B 241 13.38 22.50 -14.80
CA ASP B 241 13.10 23.91 -14.51
C ASP B 241 13.01 24.11 -12.99
N GLU B 242 12.66 25.34 -12.60
CA GLU B 242 12.52 25.64 -11.17
C GLU B 242 11.39 24.84 -10.54
N GLU B 243 10.32 24.59 -11.31
CA GLU B 243 9.22 23.79 -10.79
C GLU B 243 9.66 22.36 -10.48
N PHE B 244 10.48 21.77 -11.36
CA PHE B 244 10.94 20.41 -11.13
C PHE B 244 11.82 20.32 -9.88
N GLN B 245 12.75 21.27 -9.72
CA GLN B 245 13.65 21.22 -8.58
C GLN B 245 12.90 21.36 -7.26
N GLN B 246 11.82 22.14 -7.24
CA GLN B 246 10.98 22.20 -6.05
C GLN B 246 10.30 20.87 -5.79
N ALA B 247 9.85 20.20 -6.86
CA ALA B 247 9.25 18.87 -6.69
C ALA B 247 10.28 17.85 -6.20
N TRP B 248 11.52 17.95 -6.69
CA TRP B 248 12.58 17.05 -6.23
C TRP B 248 12.82 17.22 -4.73
N GLN B 249 12.93 18.47 -4.26
CA GLN B 249 13.17 18.72 -2.84
C GLN B 249 12.04 18.17 -2.00
N SER B 250 10.80 18.26 -2.48
CA SER B 250 9.65 17.78 -1.71
C SER B 250 9.75 16.29 -1.44
N TYR B 251 10.27 15.54 -2.40
CA TYR B 251 10.38 14.09 -2.28
C TYR B 251 11.80 13.61 -2.00
N ASN B 252 12.78 14.52 -1.99
CA ASN B 252 14.16 14.11 -1.71
C ASN B 252 14.33 13.80 -0.23
N ALA B 253 14.83 12.60 0.06
CA ALA B 253 15.11 12.18 1.42
C ALA B 253 16.49 12.62 1.89
N PHE B 254 17.33 13.13 0.99
CA PHE B 254 18.68 13.58 1.31
C PHE B 254 18.79 15.09 1.22
N SER B 255 17.67 15.80 1.28
CA SER B 255 17.65 17.25 1.11
C SER B 255 18.37 17.94 2.25
N ASN B 256 19.40 18.74 1.91
CA ASN B 256 20.16 19.53 2.87
C ASN B 256 20.69 18.68 4.02
N SER B 257 21.05 17.43 3.71
CA SER B 257 21.56 16.49 4.69
C SER B 257 23.06 16.29 4.49
N GLU B 258 23.73 15.87 5.57
CA GLU B 258 25.16 15.56 5.51
C GLU B 258 25.35 14.30 4.69
N ILE B 259 25.96 14.44 3.52
CA ILE B 259 26.05 13.34 2.56
C ILE B 259 27.52 13.09 2.24
N ASN B 260 27.79 11.86 1.80
CA ASN B 260 29.10 11.46 1.31
C ASN B 260 28.93 11.08 -0.16
N VAL B 261 29.71 11.71 -1.04
CA VAL B 261 29.65 11.44 -2.46
C VAL B 261 30.81 10.50 -2.79
N LEU B 262 30.49 9.25 -3.14
CA LEU B 262 31.51 8.27 -3.49
C LEU B 262 31.90 8.47 -4.94
N THR B 263 33.15 8.83 -5.17
CA THR B 263 33.66 9.16 -6.49
C THR B 263 34.86 8.26 -6.80
N GLU B 264 35.20 8.15 -8.08
CA GLU B 264 36.35 7.37 -8.49
C GLU B 264 37.64 7.87 -7.86
N GLN B 265 37.64 9.09 -7.34
CA GLN B 265 38.79 9.65 -6.65
C GLN B 265 38.62 9.64 -5.13
N GLY B 266 37.62 8.94 -4.64
CA GLY B 266 37.34 8.88 -3.22
C GLY B 266 36.02 9.56 -2.88
N VAL B 267 35.85 9.82 -1.58
CA VAL B 267 34.62 10.37 -1.05
C VAL B 267 34.79 11.87 -0.83
N ILE B 268 33.84 12.65 -1.34
CA ILE B 268 33.74 14.07 -1.04
C ILE B 268 32.55 14.25 -0.10
N SER B 269 32.82 14.73 1.11
CA SER B 269 31.78 14.98 2.10
C SER B 269 31.24 16.40 1.98
N GLY B 270 30.03 16.60 2.48
CA GLY B 270 29.42 17.91 2.43
C GLY B 270 27.94 17.84 2.77
N ILE B 271 27.25 18.93 2.45
CA ILE B 271 25.80 19.05 2.65
C ILE B 271 25.15 19.12 1.28
N GLU B 272 24.12 18.31 1.07
CA GLU B 272 23.40 18.32 -0.20
C GLU B 272 22.73 19.67 -0.43
N GLN B 273 22.82 20.16 -1.66
CA GLN B 273 22.26 21.46 -2.04
C GLN B 273 21.34 21.34 -3.25
N GLY B 274 20.67 20.19 -3.38
CA GLY B 274 19.69 20.03 -4.44
C GLY B 274 20.30 19.70 -5.78
N ILE B 275 19.64 20.16 -6.84
CA ILE B 275 20.01 19.83 -8.21
C ILE B 275 19.99 21.11 -9.06
N ASP B 276 20.69 21.05 -10.19
CA ASP B 276 20.76 22.13 -11.14
C ASP B 276 19.87 21.87 -12.35
N GLU B 277 19.97 22.74 -13.35
CA GLU B 277 19.18 22.63 -14.57
C GLU B 277 19.55 21.42 -15.43
N ARG B 278 20.70 20.78 -15.16
CA ARG B 278 21.08 19.57 -15.86
C ARG B 278 20.83 18.31 -15.04
N GLY B 279 20.25 18.45 -13.85
CA GLY B 279 20.04 17.31 -12.97
C GLY B 279 21.24 16.89 -12.18
N TYR B 280 22.33 17.66 -12.21
CA TYR B 280 23.52 17.33 -11.44
C TYR B 280 23.28 17.55 -9.96
N LEU B 281 23.88 16.69 -9.13
CA LEU B 281 23.81 16.89 -7.69
C LEU B 281 24.71 18.05 -7.29
N LYS B 282 24.20 18.94 -6.44
CA LYS B 282 24.95 20.09 -5.94
C LYS B 282 25.22 19.89 -4.45
N VAL B 283 26.49 19.98 -4.07
CA VAL B 283 26.92 19.71 -2.71
C VAL B 283 27.81 20.85 -2.21
N LEU B 284 27.59 21.29 -0.98
CA LEU B 284 28.43 22.31 -0.36
C LEU B 284 29.55 21.61 0.40
N CYS B 285 30.76 21.67 -0.14
CA CYS B 285 31.94 21.09 0.48
C CYS B 285 32.93 22.21 0.71
N GLY B 286 33.21 22.50 1.98
CA GLY B 286 33.99 23.68 2.31
C GLY B 286 33.20 24.95 2.05
N ASN B 287 33.72 25.80 1.16
CA ASN B 287 33.09 27.08 0.84
C ASN B 287 32.67 27.17 -0.62
N LYS B 288 32.54 26.03 -1.31
CA LYS B 288 32.15 26.01 -2.71
C LYS B 288 31.15 24.90 -2.95
N ILE B 289 30.31 25.10 -3.96
CA ILE B 289 29.35 24.08 -4.40
C ILE B 289 30.02 23.20 -5.43
N GLN B 290 30.04 21.89 -5.20
CA GLN B 290 30.59 20.92 -6.13
C GLN B 290 29.45 20.13 -6.77
N MET B 291 29.51 20.00 -8.10
CA MET B 291 28.46 19.38 -8.88
C MET B 291 28.94 18.05 -9.46
N PHE B 292 28.05 17.06 -9.50
CA PHE B 292 28.39 15.71 -9.91
C PHE B 292 27.37 15.15 -10.90
N ASN B 293 27.85 14.27 -11.78
CA ASN B 293 27.01 13.54 -12.72
C ASN B 293 26.63 12.18 -12.16
N GLY B 294 25.42 11.73 -12.51
CA GLY B 294 24.85 10.55 -11.87
C GLY B 294 25.63 9.27 -12.15
N GLY B 295 25.97 9.04 -13.42
CA GLY B 295 26.66 7.81 -13.77
C GLY B 295 28.01 7.68 -13.11
N GLU B 296 28.72 8.79 -12.93
CA GLU B 296 30.08 8.77 -12.42
C GLU B 296 30.15 8.51 -10.91
N VAL B 297 29.18 9.00 -10.14
CA VAL B 297 29.28 9.02 -8.68
C VAL B 297 28.08 8.32 -8.05
N SER B 298 28.19 8.07 -6.73
CA SER B 298 27.16 7.43 -5.94
C SER B 298 26.95 8.24 -4.65
N LEU B 299 25.72 8.20 -4.14
CA LEU B 299 25.31 9.00 -2.98
C LEU B 299 25.12 8.13 -1.74
N ARG B 300 25.61 8.62 -0.61
CA ARG B 300 25.42 7.98 0.69
C ARG B 300 25.15 9.07 1.73
N LYS B 301 24.74 8.65 2.92
CA LYS B 301 24.45 9.57 4.02
C LYS B 301 25.53 9.41 5.07
N LYS B 302 26.21 10.51 5.40
CA LYS B 302 27.25 10.53 6.42
C LYS B 302 26.73 9.93 7.72
#